data_8ZYE
#
_entry.id   8ZYE
#
_cell.length_a   47.793
_cell.length_b   96.220
_cell.length_c   242.459
_cell.angle_alpha   90.00
_cell.angle_beta   90.00
_cell.angle_gamma   90.00
#
_symmetry.space_group_name_H-M   'I 2 2 2'
#
loop_
_entity.id
_entity.type
_entity.pdbx_description
1 polymer 'ADP-ribosyl cyclase/cyclic ADP-ribose hydrolase 1'
2 polymer 'RP02 scFv'
3 non-polymer DI(HYDROXYETHYL)ETHER
4 non-polymer 'SULFATE ION'
5 non-polymer 1,2-ETHANEDIOL
6 water water
#
loop_
_entity_poly.entity_id
_entity_poly.type
_entity_poly.pdbx_seq_one_letter_code
_entity_poly.pdbx_strand_id
1 'polypeptide(L)'
;RWRQQWSGPGTTKRFPETVLARCVKYTEIHPEMRHVDCQSVWDAFKGAFISKHPCDITEEDYQPLMKLGTQTVPCNKILL
WSRIKDLAHQFTQVQRDMFTLEDTLLGYLADDLTWCGEFATSKINYQSCPDWRKDCSNNPVSVFWKTVSRRFAEAACDVV
HVMLDGSRSKIFDKDSTFGSVEVHNLQPEKVQTLEAWVIHGGREDSRDLCQDPTIKELESIISKRNIQFSCKNIYRPDKF
LQ
;
A
2 'polypeptide(L)'
;PAQLVESGPGLVKPSGTLSLTCAVSGGSISSSNWWSWVRQPPGKGLEWIGEIYHSGSTNYNPSLKSRVTISVDKSKNQFS
LKLSSVTAADTAVYYCAREDYYYYMDVWGKGTTVTVQSVLTQPPSVSAAPGQKVTISCSGSSSNIGNNYVSWYQQLPGTA
PKLLIYDNNKRPSGIPDRFSGSKSGTSATLGITGLQTGDEADYYCGTWDSSLSAGVFGGGTKLTVL
;
B
#
# COMPACT_ATOMS: atom_id res chain seq x y z
N ARG A 1 -28.29 23.14 -27.19
CA ARG A 1 -29.44 23.18 -26.31
C ARG A 1 -29.44 24.45 -25.46
N TRP A 2 -29.28 24.30 -24.15
CA TRP A 2 -29.04 25.41 -23.24
C TRP A 2 -27.72 25.15 -22.51
N ARG A 3 -26.62 25.15 -23.28
CA ARG A 3 -25.31 24.83 -22.73
C ARG A 3 -24.84 25.93 -21.79
N GLN A 4 -24.23 25.52 -20.68
CA GLN A 4 -23.65 26.46 -19.73
C GLN A 4 -22.19 26.68 -20.08
N GLN A 5 -21.79 27.94 -20.21
CA GLN A 5 -20.41 28.31 -20.44
C GLN A 5 -19.80 28.87 -19.16
N TRP A 6 -18.57 28.47 -18.87
CA TRP A 6 -17.90 28.85 -17.64
C TRP A 6 -16.63 29.63 -17.95
N SER A 7 -16.15 30.35 -16.93
CA SER A 7 -14.97 31.19 -17.06
C SER A 7 -13.66 30.42 -16.84
N GLY A 8 -13.74 29.12 -16.56
CA GLY A 8 -12.57 28.32 -16.33
C GLY A 8 -12.33 27.33 -17.45
N PRO A 9 -11.15 26.74 -17.49
CA PRO A 9 -10.80 25.83 -18.59
C PRO A 9 -11.59 24.53 -18.52
N GLY A 10 -11.81 23.94 -19.68
CA GLY A 10 -12.57 22.70 -19.77
C GLY A 10 -11.81 21.52 -19.20
N THR A 11 -12.45 20.36 -19.32
CA THR A 11 -11.85 19.11 -18.86
C THR A 11 -10.54 18.85 -19.61
N THR A 12 -9.53 18.37 -18.87
CA THR A 12 -8.29 17.95 -19.50
C THR A 12 -8.59 16.95 -20.63
N LYS A 13 -7.98 17.19 -21.79
CA LYS A 13 -8.22 16.35 -22.95
C LYS A 13 -7.70 14.94 -22.71
N ARG A 14 -8.41 13.94 -23.24
CA ARG A 14 -8.13 12.53 -22.98
C ARG A 14 -8.22 12.22 -21.49
N PHE A 15 -9.27 12.76 -20.84
CA PHE A 15 -9.41 12.57 -19.40
C PHE A 15 -9.71 11.12 -19.02
N PRO A 16 -10.68 10.43 -19.64
CA PRO A 16 -10.85 9.01 -19.30
C PRO A 16 -9.63 8.17 -19.58
N GLU A 17 -9.00 8.36 -20.74
CA GLU A 17 -7.79 7.64 -21.08
C GLU A 17 -6.71 7.88 -20.03
N THR A 18 -6.50 9.14 -19.66
CA THR A 18 -5.46 9.47 -18.69
C THR A 18 -5.77 8.84 -17.33
N VAL A 19 -7.03 8.90 -16.89
CA VAL A 19 -7.38 8.35 -15.59
C VAL A 19 -7.16 6.84 -15.58
N LEU A 20 -7.57 6.15 -16.64
CA LEU A 20 -7.40 4.71 -16.68
C LEU A 20 -5.92 4.33 -16.72
N ALA A 21 -5.12 5.05 -17.52
CA ALA A 21 -3.69 4.77 -17.59
C ALA A 21 -3.02 5.01 -16.25
N ARG A 22 -3.38 6.11 -15.57
CA ARG A 22 -2.84 6.38 -14.25
C ARG A 22 -3.21 5.28 -13.27
N CYS A 23 -4.47 4.81 -13.32
CA CYS A 23 -4.88 3.73 -12.43
C CYS A 23 -4.08 2.47 -12.68
N VAL A 24 -3.88 2.13 -13.96
CA VAL A 24 -3.06 0.97 -14.32
C VAL A 24 -1.66 1.11 -13.74
N LYS A 25 -1.00 2.23 -14.01
CA LYS A 25 0.38 2.42 -13.58
C LYS A 25 0.48 2.42 -12.05
N TYR A 26 -0.51 3.01 -11.37
CA TYR A 26 -0.47 3.04 -9.91
C TYR A 26 -0.62 1.64 -9.34
N THR A 27 -1.61 0.88 -9.81
CA THR A 27 -1.74 -0.50 -9.34
C THR A 27 -0.52 -1.33 -9.67
N GLU A 28 0.21 -0.96 -10.73
CA GLU A 28 1.47 -1.63 -11.03
C GLU A 28 2.52 -1.32 -9.96
N ILE A 29 2.87 -0.05 -9.80
CA ILE A 29 3.97 0.32 -8.90
C ILE A 29 3.57 0.36 -7.44
N HIS A 30 2.30 0.14 -7.11
CA HIS A 30 1.84 0.10 -5.72
C HIS A 30 1.05 -1.19 -5.54
N PRO A 31 1.74 -2.31 -5.33
CA PRO A 31 1.05 -3.61 -5.28
C PRO A 31 0.03 -3.73 -4.16
N GLU A 32 0.08 -2.85 -3.15
CA GLU A 32 -0.93 -2.89 -2.10
C GLU A 32 -2.30 -2.48 -2.61
N MET A 33 -2.40 -1.97 -3.84
CA MET A 33 -3.68 -1.62 -4.45
C MET A 33 -3.95 -2.43 -5.72
N ARG A 34 -3.27 -3.57 -5.88
CA ARG A 34 -3.47 -4.40 -7.06
C ARG A 34 -4.86 -5.04 -7.11
N HIS A 35 -5.58 -5.06 -6.00
CA HIS A 35 -6.94 -5.59 -5.98
C HIS A 35 -7.96 -4.66 -6.63
N VAL A 36 -7.51 -3.56 -7.25
CA VAL A 36 -8.42 -2.53 -7.76
C VAL A 36 -8.78 -2.84 -9.20
N ASP A 37 -10.08 -2.86 -9.48
CA ASP A 37 -10.58 -2.96 -10.85
C ASP A 37 -10.66 -1.55 -11.42
N CYS A 38 -9.72 -1.21 -12.30
CA CYS A 38 -9.57 0.19 -12.72
C CYS A 38 -10.79 0.68 -13.48
N GLN A 39 -11.39 -0.17 -14.33
CA GLN A 39 -12.57 0.25 -15.06
C GLN A 39 -13.71 0.60 -14.11
N SER A 40 -13.85 -0.16 -13.02
CA SER A 40 -14.91 0.13 -12.05
C SER A 40 -14.68 1.45 -11.33
N VAL A 41 -13.42 1.74 -10.96
CA VAL A 41 -13.17 2.99 -10.26
C VAL A 41 -13.34 4.16 -11.21
N TRP A 42 -13.00 3.98 -12.49
CA TRP A 42 -13.28 5.05 -13.45
C TRP A 42 -14.78 5.25 -13.61
N ASP A 43 -15.56 4.16 -13.61
CA ASP A 43 -17.01 4.31 -13.67
C ASP A 43 -17.51 5.10 -12.47
N ALA A 44 -17.00 4.80 -11.27
CA ALA A 44 -17.42 5.54 -10.08
C ALA A 44 -17.02 7.01 -10.17
N PHE A 45 -15.80 7.28 -10.66
CA PHE A 45 -15.32 8.63 -10.84
C PHE A 45 -16.24 9.42 -11.77
N LYS A 46 -16.55 8.83 -12.94
CA LYS A 46 -17.38 9.56 -13.89
C LYS A 46 -18.80 9.70 -13.40
N GLY A 47 -19.33 8.68 -12.71
CA GLY A 47 -20.66 8.79 -12.14
C GLY A 47 -20.75 9.81 -11.03
N ALA A 48 -19.62 10.17 -10.43
CA ALA A 48 -19.62 11.22 -9.43
C ALA A 48 -20.12 12.55 -9.99
N PHE A 49 -19.72 12.90 -11.22
CA PHE A 49 -20.02 14.24 -11.74
C PHE A 49 -20.75 14.26 -13.09
N ILE A 50 -20.96 13.13 -13.75
CA ILE A 50 -21.67 13.12 -15.04
C ILE A 50 -23.16 13.32 -14.79
N SER A 51 -23.79 14.09 -15.69
CA SER A 51 -25.25 14.32 -15.68
C SER A 51 -25.68 15.13 -14.46
N LYS A 52 -24.77 15.94 -13.93
CA LYS A 52 -25.03 16.77 -12.77
C LYS A 52 -24.51 18.18 -13.02
N HIS A 53 -25.25 19.17 -12.56
CA HIS A 53 -24.81 20.55 -12.69
C HIS A 53 -23.51 20.73 -11.91
N PRO A 54 -22.45 21.27 -12.53
CA PRO A 54 -21.13 21.26 -11.87
C PRO A 54 -21.06 22.06 -10.60
N CYS A 55 -21.99 22.97 -10.35
CA CYS A 55 -21.94 23.79 -9.14
C CYS A 55 -22.74 23.22 -7.99
N ASP A 56 -23.36 22.05 -8.15
CA ASP A 56 -24.11 21.42 -7.08
C ASP A 56 -23.54 20.05 -6.71
N ILE A 57 -22.24 19.86 -6.92
CA ILE A 57 -21.59 18.62 -6.55
C ILE A 57 -21.38 18.61 -5.04
N THR A 58 -21.64 17.47 -4.41
CA THR A 58 -21.44 17.30 -2.98
C THR A 58 -20.52 16.12 -2.72
N GLU A 59 -20.09 15.99 -1.46
CA GLU A 59 -19.16 14.92 -1.10
C GLU A 59 -19.78 13.55 -1.33
N GLU A 60 -21.10 13.43 -1.09
CA GLU A 60 -21.75 12.14 -1.31
C GLU A 60 -21.68 11.71 -2.77
N ASP A 61 -21.66 12.67 -3.70
CA ASP A 61 -21.47 12.32 -5.11
C ASP A 61 -20.20 11.53 -5.33
N TYR A 62 -19.15 11.82 -4.56
CA TYR A 62 -17.89 11.11 -4.69
C TYR A 62 -17.78 9.90 -3.77
N GLN A 63 -18.82 9.61 -2.99
CA GLN A 63 -18.72 8.53 -2.02
C GLN A 63 -18.45 7.15 -2.65
N PRO A 64 -19.10 6.76 -3.75
CA PRO A 64 -18.74 5.45 -4.35
C PRO A 64 -17.29 5.37 -4.75
N LEU A 65 -16.77 6.40 -5.41
CA LEU A 65 -15.36 6.44 -5.76
C LEU A 65 -14.48 6.36 -4.52
N MET A 66 -14.92 6.98 -3.41
CA MET A 66 -14.15 6.90 -2.17
C MET A 66 -14.11 5.48 -1.62
N LYS A 67 -15.07 4.63 -1.95
CA LYS A 67 -15.05 3.27 -1.41
C LYS A 67 -14.21 2.34 -2.26
N LEU A 68 -14.29 2.45 -3.58
CA LEU A 68 -13.40 1.66 -4.44
C LEU A 68 -11.95 2.08 -4.31
N GLY A 69 -11.69 3.29 -3.83
CA GLY A 69 -10.32 3.76 -3.68
C GLY A 69 -9.87 3.84 -2.24
N THR A 70 -10.51 3.07 -1.36
CA THR A 70 -10.10 3.00 0.03
C THR A 70 -8.67 2.48 0.13
N GLN A 71 -7.84 3.19 0.88
CA GLN A 71 -6.43 2.87 0.97
C GLN A 71 -5.96 3.18 2.39
N THR A 72 -5.78 2.13 3.19
CA THR A 72 -5.23 2.27 4.53
C THR A 72 -3.72 2.35 4.43
N VAL A 73 -3.19 3.57 4.47
CA VAL A 73 -1.76 3.81 4.36
C VAL A 73 -1.20 3.79 5.79
N PRO A 74 0.07 3.41 6.00
CA PRO A 74 0.66 3.52 7.35
C PRO A 74 0.51 4.92 7.94
N CYS A 75 -0.31 5.04 8.99
CA CYS A 75 -0.74 6.35 9.45
C CYS A 75 0.35 7.18 10.09
N ASN A 76 1.50 6.60 10.41
CA ASN A 76 2.58 7.30 11.11
C ASN A 76 3.64 7.83 10.16
N LYS A 77 3.43 7.73 8.86
CA LYS A 77 4.39 8.21 7.87
C LYS A 77 3.67 8.96 6.75
N ILE A 78 2.73 9.82 7.14
CA ILE A 78 1.99 10.66 6.20
C ILE A 78 2.68 12.02 6.13
N LEU A 79 2.87 12.53 4.91
CA LEU A 79 3.48 13.84 4.69
C LEU A 79 2.44 14.75 4.04
N LEU A 80 1.90 15.68 4.82
CA LEU A 80 1.09 16.75 4.24
C LEU A 80 1.98 17.85 3.70
N TRP A 81 1.41 18.72 2.88
CA TRP A 81 2.19 19.82 2.31
C TRP A 81 1.24 20.94 1.90
N SER A 82 1.83 22.10 1.63
CA SER A 82 1.06 23.27 1.18
C SER A 82 1.98 24.21 0.42
N ARG A 83 1.73 24.36 -0.89
CA ARG A 83 2.42 25.32 -1.76
C ARG A 83 3.90 24.98 -1.98
N ILE A 84 4.25 23.69 -1.99
CA ILE A 84 5.59 23.22 -2.33
C ILE A 84 5.49 21.77 -2.76
N LYS A 85 4.67 21.50 -3.77
CA LYS A 85 4.46 20.12 -4.17
C LYS A 85 5.70 19.53 -4.83
N ASP A 86 6.51 20.36 -5.49
CA ASP A 86 7.74 19.87 -6.10
C ASP A 86 8.64 19.21 -5.05
N LEU A 87 8.99 19.96 -4.00
CA LEU A 87 9.90 19.43 -2.99
C LEU A 87 9.26 18.29 -2.19
N ALA A 88 7.94 18.37 -1.96
CA ALA A 88 7.28 17.31 -1.21
C ALA A 88 7.30 15.99 -1.98
N HIS A 89 7.05 16.06 -3.28
CA HIS A 89 7.09 14.84 -4.09
C HIS A 89 8.51 14.35 -4.31
N GLN A 90 9.48 15.27 -4.39
CA GLN A 90 10.88 14.84 -4.37
C GLN A 90 11.19 14.05 -3.11
N PHE A 91 10.74 14.53 -1.96
CA PHE A 91 11.00 13.85 -0.70
C PHE A 91 10.36 12.47 -0.67
N THR A 92 9.08 12.40 -1.05
CA THR A 92 8.44 11.08 -1.07
C THR A 92 8.99 10.17 -2.17
N GLN A 93 9.69 10.73 -3.16
CA GLN A 93 10.30 9.90 -4.18
C GLN A 93 11.66 9.36 -3.75
N VAL A 94 12.42 10.13 -2.97
CA VAL A 94 13.70 9.65 -2.47
C VAL A 94 13.58 8.91 -1.14
N GLN A 95 12.53 9.17 -0.37
CA GLN A 95 12.24 8.42 0.85
C GLN A 95 10.91 7.70 0.67
N ARG A 96 10.94 6.63 -0.12
CA ARG A 96 9.75 5.98 -0.68
C ARG A 96 8.88 5.27 0.36
N ASP A 97 9.05 5.46 1.67
CA ASP A 97 8.17 4.87 2.66
C ASP A 97 7.17 5.85 3.24
N MET A 98 7.21 7.12 2.83
CA MET A 98 6.26 8.12 3.28
C MET A 98 5.36 8.53 2.12
N PHE A 99 4.14 8.95 2.46
CA PHE A 99 3.09 9.17 1.46
C PHE A 99 2.52 10.57 1.56
N THR A 100 2.43 11.24 0.41
CA THR A 100 1.57 12.40 0.25
C THR A 100 0.21 11.93 -0.29
N LEU A 101 -0.75 12.86 -0.29
CA LEU A 101 -2.07 12.54 -0.83
C LEU A 101 -1.96 12.09 -2.29
N GLU A 102 -1.02 12.67 -3.04
CA GLU A 102 -0.81 12.29 -4.43
C GLU A 102 -0.08 10.96 -4.57
N ASP A 103 0.37 10.36 -3.46
CA ASP A 103 0.91 9.01 -3.48
C ASP A 103 -0.15 7.96 -3.19
N THR A 104 -1.38 8.36 -2.89
CA THR A 104 -2.49 7.42 -2.80
C THR A 104 -3.15 7.30 -4.17
N LEU A 105 -4.02 6.29 -4.31
CA LEU A 105 -4.60 5.99 -5.61
C LEU A 105 -5.39 7.18 -6.15
N LEU A 106 -6.30 7.74 -5.34
CA LEU A 106 -7.18 8.79 -5.84
C LEU A 106 -6.41 10.10 -6.12
N GLY A 107 -5.50 10.46 -5.21
CA GLY A 107 -4.66 11.62 -5.45
C GLY A 107 -3.80 11.46 -6.68
N TYR A 108 -3.20 10.28 -6.86
CA TYR A 108 -2.43 10.02 -8.08
C TYR A 108 -3.31 10.06 -9.31
N LEU A 109 -4.57 9.67 -9.17
CA LEU A 109 -5.49 9.64 -10.30
C LEU A 109 -5.81 11.04 -10.79
N ALA A 110 -6.12 11.94 -9.87
CA ALA A 110 -6.68 13.24 -10.24
C ALA A 110 -5.67 14.38 -10.21
N ASP A 111 -4.41 14.11 -9.88
CA ASP A 111 -3.44 15.19 -9.68
C ASP A 111 -3.21 15.97 -10.98
N ASP A 112 -3.28 17.30 -10.87
CA ASP A 112 -2.98 18.24 -11.96
C ASP A 112 -4.00 18.17 -13.10
N LEU A 113 -5.16 17.58 -12.87
CA LEU A 113 -6.19 17.44 -13.90
C LEU A 113 -7.35 18.39 -13.65
N THR A 114 -8.23 18.47 -14.62
CA THR A 114 -9.45 19.27 -14.55
C THR A 114 -10.58 18.49 -15.18
N TRP A 115 -11.76 18.53 -14.56
CA TRP A 115 -12.91 17.81 -15.08
C TRP A 115 -14.20 18.43 -14.55
N CYS A 116 -15.24 18.32 -15.37
CA CYS A 116 -16.60 18.68 -14.98
C CYS A 116 -17.55 18.12 -16.03
N GLY A 117 -18.83 18.08 -15.67
CA GLY A 117 -19.83 17.56 -16.59
C GLY A 117 -20.88 18.60 -16.94
N GLU A 118 -21.97 18.15 -17.57
CA GLU A 118 -23.06 19.02 -17.97
C GLU A 118 -24.36 18.53 -17.33
N PHE A 119 -25.29 19.47 -17.20
CA PHE A 119 -26.53 19.19 -16.47
C PHE A 119 -27.56 18.48 -17.35
N ALA A 120 -27.68 18.88 -18.62
CA ALA A 120 -28.69 18.29 -19.49
C ALA A 120 -28.24 17.03 -20.19
N THR A 121 -26.93 16.85 -20.38
CA THR A 121 -26.39 15.71 -21.13
C THR A 121 -25.60 14.80 -20.20
N SER A 122 -25.05 13.73 -20.79
CA SER A 122 -24.21 12.79 -20.07
C SER A 122 -22.79 12.77 -20.61
N LYS A 123 -22.35 13.83 -21.27
CA LYS A 123 -21.02 13.91 -21.85
C LYS A 123 -20.12 14.77 -20.97
N ILE A 124 -18.82 14.47 -21.00
CA ILE A 124 -17.85 15.24 -20.24
C ILE A 124 -17.61 16.56 -20.94
N ASN A 125 -17.63 17.65 -20.18
CA ASN A 125 -17.52 18.99 -20.74
C ASN A 125 -16.06 19.32 -20.98
N TYR A 126 -15.66 19.37 -22.25
CA TYR A 126 -14.29 19.72 -22.61
C TYR A 126 -14.13 21.18 -23.01
N GLN A 127 -15.22 21.95 -23.02
CA GLN A 127 -15.15 23.34 -23.46
C GLN A 127 -14.86 24.31 -22.30
N SER A 128 -15.47 24.09 -21.14
CA SER A 128 -15.27 24.96 -19.99
C SER A 128 -15.74 24.25 -18.74
N CYS A 129 -15.20 24.68 -17.60
CA CYS A 129 -15.56 24.20 -16.27
C CYS A 129 -15.59 25.39 -15.34
N PRO A 130 -16.33 25.32 -14.22
CA PRO A 130 -16.54 26.51 -13.40
C PRO A 130 -15.24 27.09 -12.85
N ASP A 131 -15.16 28.42 -12.89
CA ASP A 131 -14.17 29.15 -12.12
C ASP A 131 -14.60 29.21 -10.66
N TRP A 132 -13.64 29.08 -9.75
CA TRP A 132 -13.98 28.95 -8.33
C TRP A 132 -14.47 30.25 -7.72
N ARG A 133 -13.82 31.38 -8.04
CA ARG A 133 -14.20 32.68 -7.50
C ARG A 133 -15.22 33.42 -8.36
N LYS A 134 -15.23 33.17 -9.67
CA LYS A 134 -16.16 33.84 -10.56
C LYS A 134 -17.42 33.04 -10.85
N ASP A 135 -17.37 31.71 -10.86
CA ASP A 135 -18.55 30.93 -11.16
C ASP A 135 -19.14 30.30 -9.89
N CYS A 136 -18.42 29.34 -9.32
CA CYS A 136 -18.89 28.68 -8.11
C CYS A 136 -17.73 27.94 -7.48
N SER A 137 -17.72 27.92 -6.15
CA SER A 137 -16.60 27.34 -5.42
C SER A 137 -16.73 25.83 -5.23
N ASN A 138 -17.93 25.27 -5.37
CA ASN A 138 -18.16 23.85 -5.16
C ASN A 138 -18.44 23.19 -6.51
N ASN A 139 -17.38 22.68 -7.12
CA ASN A 139 -17.39 22.03 -8.42
C ASN A 139 -16.74 20.66 -8.31
N PRO A 140 -16.78 19.81 -9.36
CA PRO A 140 -16.20 18.46 -9.22
C PRO A 140 -14.79 18.41 -8.66
N VAL A 141 -13.91 19.31 -9.10
CA VAL A 141 -12.53 19.29 -8.64
C VAL A 141 -12.44 19.74 -7.18
N SER A 142 -13.14 20.81 -6.83
CA SER A 142 -13.14 21.31 -5.46
C SER A 142 -13.69 20.28 -4.49
N VAL A 143 -14.87 19.75 -4.80
CA VAL A 143 -15.49 18.79 -3.91
C VAL A 143 -14.61 17.56 -3.79
N PHE A 144 -14.04 17.10 -4.91
CA PHE A 144 -13.17 15.94 -4.88
C PHE A 144 -11.99 16.17 -3.95
N TRP A 145 -11.26 17.27 -4.15
CA TRP A 145 -10.05 17.49 -3.37
C TRP A 145 -10.37 17.71 -1.89
N LYS A 146 -11.45 18.42 -1.57
CA LYS A 146 -11.86 18.56 -0.18
C LYS A 146 -12.14 17.19 0.44
N THR A 147 -12.94 16.37 -0.24
CA THR A 147 -13.30 15.06 0.28
C THR A 147 -12.06 14.20 0.52
N VAL A 148 -11.20 14.09 -0.49
CA VAL A 148 -10.06 13.20 -0.39
C VAL A 148 -9.06 13.72 0.63
N SER A 149 -8.87 15.04 0.73
CA SER A 149 -7.94 15.57 1.72
C SER A 149 -8.47 15.37 3.13
N ARG A 150 -9.78 15.51 3.32
CA ARG A 150 -10.36 15.23 4.62
C ARG A 150 -10.13 13.79 5.02
N ARG A 151 -10.41 12.86 4.10
CA ARG A 151 -10.24 11.45 4.45
C ARG A 151 -8.76 11.10 4.65
N PHE A 152 -7.86 11.80 3.97
CA PHE A 152 -6.43 11.53 4.15
C PHE A 152 -5.93 12.06 5.48
N ALA A 153 -6.42 13.24 5.90
CA ALA A 153 -6.03 13.76 7.19
C ALA A 153 -6.61 12.93 8.33
N GLU A 154 -7.87 12.50 8.19
CA GLU A 154 -8.51 11.71 9.23
C GLU A 154 -7.82 10.38 9.46
N ALA A 155 -7.06 9.90 8.49
CA ALA A 155 -6.39 8.60 8.61
C ALA A 155 -5.00 8.70 9.20
N ALA A 156 -4.51 9.90 9.50
CA ALA A 156 -3.15 10.06 10.02
C ALA A 156 -3.10 9.77 11.51
N CYS A 157 -1.92 9.37 11.98
CA CYS A 157 -1.74 9.06 13.40
C CYS A 157 -0.32 9.40 13.83
N ASP A 158 -0.08 9.28 15.14
CA ASP A 158 1.23 9.45 15.78
C ASP A 158 1.77 10.84 15.45
N VAL A 159 2.89 10.97 14.73
CA VAL A 159 3.44 12.25 14.33
C VAL A 159 3.14 12.45 12.85
N VAL A 160 2.49 13.57 12.52
CA VAL A 160 2.13 13.92 11.15
C VAL A 160 2.99 15.11 10.74
N HIS A 161 3.58 15.02 9.55
CA HIS A 161 4.43 16.10 9.05
C HIS A 161 3.69 16.92 8.01
N VAL A 162 4.04 18.20 7.95
CA VAL A 162 3.54 19.09 6.91
C VAL A 162 4.70 19.94 6.40
N MET A 163 4.88 19.95 5.08
CA MET A 163 5.90 20.76 4.45
C MET A 163 5.32 22.11 4.04
N LEU A 164 6.05 23.18 4.34
CA LEU A 164 5.57 24.54 4.11
C LEU A 164 6.64 25.35 3.41
N ASP A 165 6.19 26.25 2.55
CA ASP A 165 7.08 27.13 1.80
C ASP A 165 7.28 28.41 2.61
N GLY A 166 8.52 28.66 3.04
CA GLY A 166 8.80 29.87 3.79
C GLY A 166 8.88 31.14 2.98
N SER A 167 8.87 31.04 1.65
CA SER A 167 8.95 32.20 0.79
C SER A 167 7.59 32.80 0.46
N ARG A 168 6.51 32.18 0.93
CA ARG A 168 5.18 32.66 0.62
C ARG A 168 4.83 33.87 1.48
N SER A 169 3.91 34.70 0.98
CA SER A 169 3.38 35.81 1.76
C SER A 169 2.76 35.30 3.06
N LYS A 170 2.01 34.22 2.98
CA LYS A 170 1.43 33.54 4.14
C LYS A 170 1.99 32.12 4.14
N ILE A 171 3.03 31.89 4.95
CA ILE A 171 3.61 30.55 5.04
C ILE A 171 2.53 29.54 5.37
N PHE A 172 1.65 29.88 6.31
CA PHE A 172 0.44 29.12 6.58
C PHE A 172 -0.74 29.98 6.14
N ASP A 173 -1.47 29.49 5.14
CA ASP A 173 -2.58 30.22 4.55
C ASP A 173 -3.87 29.53 4.97
N LYS A 174 -4.75 30.27 5.64
CA LYS A 174 -6.05 29.72 6.01
C LYS A 174 -6.86 29.32 4.78
N ASP A 175 -6.64 30.00 3.66
CA ASP A 175 -7.37 29.75 2.43
C ASP A 175 -6.72 28.68 1.56
N SER A 176 -6.19 27.63 2.19
CA SER A 176 -5.62 26.50 1.50
C SER A 176 -6.31 25.24 1.99
N THR A 177 -6.15 24.15 1.24
CA THR A 177 -6.75 22.89 1.65
C THR A 177 -6.15 22.41 2.97
N PHE A 178 -4.87 22.66 3.18
CA PHE A 178 -4.26 22.31 4.45
C PHE A 178 -4.85 23.13 5.59
N GLY A 179 -4.99 24.43 5.39
CA GLY A 179 -5.54 25.30 6.40
C GLY A 179 -7.05 25.17 6.57
N SER A 180 -7.77 24.94 5.48
CA SER A 180 -9.23 24.93 5.54
C SER A 180 -9.84 23.55 5.73
N VAL A 181 -9.07 22.48 5.51
CA VAL A 181 -9.61 21.14 5.63
C VAL A 181 -8.72 20.25 6.49
N GLU A 182 -7.43 20.22 6.19
CA GLU A 182 -6.57 19.17 6.73
C GLU A 182 -6.29 19.38 8.22
N VAL A 183 -5.94 20.62 8.62
CA VAL A 183 -5.61 20.86 10.03
C VAL A 183 -6.79 20.56 10.93
N HIS A 184 -8.01 20.72 10.42
CA HIS A 184 -9.23 20.54 11.20
C HIS A 184 -9.72 19.10 11.19
N ASN A 185 -9.05 18.22 10.47
CA ASN A 185 -9.48 16.82 10.40
C ASN A 185 -8.41 15.87 10.92
N LEU A 186 -7.32 16.40 11.47
CA LEU A 186 -6.39 15.54 12.20
C LEU A 186 -7.07 15.07 13.48
N GLN A 187 -7.05 13.77 13.71
CA GLN A 187 -7.76 13.17 14.84
C GLN A 187 -6.92 13.28 16.10
N PRO A 188 -7.38 13.97 17.15
CA PRO A 188 -6.61 14.01 18.41
C PRO A 188 -6.49 12.66 19.08
N GLU A 189 -7.40 11.72 18.79
CA GLU A 189 -7.33 10.37 19.33
C GLU A 189 -6.25 9.53 18.68
N LYS A 190 -5.70 9.97 17.55
CA LYS A 190 -4.66 9.24 16.84
C LYS A 190 -3.38 10.03 16.65
N VAL A 191 -3.47 11.35 16.53
CA VAL A 191 -2.32 12.21 16.27
C VAL A 191 -1.93 12.89 17.57
N GLN A 192 -0.65 12.81 17.93
CA GLN A 192 -0.15 13.55 19.07
C GLN A 192 0.63 14.79 18.68
N THR A 193 1.22 14.81 17.48
CA THR A 193 2.08 15.92 17.09
C THR A 193 1.94 16.20 15.60
N LEU A 194 1.78 17.48 15.26
CA LEU A 194 1.94 17.97 13.90
C LEU A 194 3.29 18.66 13.81
N GLU A 195 4.14 18.20 12.90
CA GLU A 195 5.48 18.75 12.74
C GLU A 195 5.56 19.49 11.41
N ALA A 196 5.78 20.80 11.49
CA ALA A 196 5.93 21.63 10.31
C ALA A 196 7.39 21.63 9.85
N TRP A 197 7.58 21.57 8.53
CA TRP A 197 8.89 21.69 7.90
C TRP A 197 8.85 22.94 7.03
N VAL A 198 9.27 24.08 7.60
CA VAL A 198 9.22 25.35 6.88
C VAL A 198 10.44 25.42 5.97
N ILE A 199 10.24 25.13 4.69
CA ILE A 199 11.34 25.15 3.72
C ILE A 199 11.71 26.60 3.42
N HIS A 200 13.01 26.88 3.45
CA HIS A 200 13.51 28.23 3.25
C HIS A 200 13.72 28.53 1.77
N GLY A 201 13.61 29.81 1.43
CA GLY A 201 13.72 30.27 0.06
C GLY A 201 13.76 31.78 0.01
N GLY A 202 14.25 32.29 -1.11
CA GLY A 202 14.48 33.71 -1.27
C GLY A 202 15.94 34.09 -1.10
N ARG A 203 16.62 34.41 -2.21
CA ARG A 203 18.02 34.83 -2.14
C ARG A 203 18.15 36.01 -1.19
N GLU A 204 18.46 35.70 0.07
CA GLU A 204 18.43 36.53 1.26
C GLU A 204 17.02 36.61 1.85
N ASP A 205 16.99 36.81 3.18
CA ASP A 205 15.86 36.93 4.09
C ASP A 205 15.53 35.54 4.62
N SER A 206 16.46 34.98 5.41
CA SER A 206 16.36 33.61 5.94
C SER A 206 16.64 33.67 7.43
N ARG A 207 15.60 33.96 8.22
CA ARG A 207 15.64 34.03 9.66
C ARG A 207 14.93 32.81 10.25
N ASP A 208 14.38 32.94 11.45
CA ASP A 208 13.63 31.86 12.07
C ASP A 208 12.16 31.99 11.68
N LEU A 209 11.74 31.20 10.69
CA LEU A 209 10.37 31.26 10.20
C LEU A 209 9.39 30.55 11.13
N CYS A 210 9.88 29.79 12.11
CA CYS A 210 8.99 29.19 13.11
C CYS A 210 8.46 30.21 14.10
N GLN A 211 8.94 31.46 14.02
CA GLN A 211 8.39 32.56 14.80
C GLN A 211 7.48 33.45 13.97
N ASP A 212 7.27 33.14 12.70
CA ASP A 212 6.42 33.94 11.85
C ASP A 212 4.99 33.95 12.40
N PRO A 213 4.27 35.06 12.27
CA PRO A 213 2.91 35.10 12.86
C PRO A 213 1.98 34.03 12.33
N THR A 214 2.09 33.65 11.05
CA THR A 214 1.22 32.59 10.53
C THR A 214 1.56 31.24 11.14
N ILE A 215 2.85 31.00 11.44
CA ILE A 215 3.23 29.76 12.11
C ILE A 215 2.69 29.74 13.53
N LYS A 216 2.72 30.89 14.22
CA LYS A 216 2.14 30.97 15.55
C LYS A 216 0.63 30.77 15.50
N GLU A 217 -0.02 31.24 14.44
CA GLU A 217 -1.45 31.04 14.28
C GLU A 217 -1.77 29.57 14.07
N LEU A 218 -1.03 28.91 13.17
CA LEU A 218 -1.19 27.47 13.00
C LEU A 218 -0.96 26.73 14.32
N GLU A 219 0.05 27.16 15.09
CA GLU A 219 0.34 26.53 16.36
C GLU A 219 -0.83 26.65 17.32
N SER A 220 -1.42 27.84 17.42
CA SER A 220 -2.56 28.02 18.30
C SER A 220 -3.76 27.21 17.83
N ILE A 221 -3.95 27.09 16.52
CA ILE A 221 -5.05 26.28 15.98
C ILE A 221 -4.89 24.82 16.42
N ILE A 222 -3.73 24.24 16.10
CA ILE A 222 -3.48 22.83 16.43
C ILE A 222 -3.51 22.62 17.93
N SER A 223 -3.11 23.63 18.71
CA SER A 223 -3.15 23.52 20.16
C SER A 223 -4.59 23.50 20.66
N LYS A 224 -5.42 24.43 20.18
CA LYS A 224 -6.82 24.43 20.55
C LYS A 224 -7.51 23.13 20.15
N ARG A 225 -7.01 22.47 19.12
CA ARG A 225 -7.53 21.14 18.79
C ARG A 225 -6.87 20.03 19.61
N ASN A 226 -6.14 20.39 20.67
CA ASN A 226 -5.56 19.43 21.63
C ASN A 226 -4.50 18.52 20.98
N ILE A 227 -3.74 19.06 20.05
CA ILE A 227 -2.64 18.34 19.42
C ILE A 227 -1.38 19.18 19.59
N GLN A 228 -0.27 18.52 19.88
CA GLN A 228 1.00 19.22 20.01
C GLN A 228 1.49 19.70 18.65
N PHE A 229 2.22 20.81 18.65
CA PHE A 229 2.72 21.42 17.44
C PHE A 229 4.25 21.41 17.43
N SER A 230 4.83 21.08 16.30
CA SER A 230 6.27 21.06 16.14
C SER A 230 6.64 21.77 14.84
N CYS A 231 7.74 22.52 14.89
CA CYS A 231 8.17 23.34 13.76
C CYS A 231 9.69 23.26 13.65
N LYS A 232 10.18 23.00 12.44
CA LYS A 232 11.61 22.90 12.19
C LYS A 232 11.96 23.67 10.93
N ASN A 233 12.81 24.67 11.06
CA ASN A 233 13.33 25.38 9.90
C ASN A 233 14.22 24.46 9.08
N ILE A 234 14.05 24.51 7.76
CA ILE A 234 14.89 23.76 6.83
C ILE A 234 15.51 24.78 5.89
N TYR A 235 16.83 24.97 6.01
CA TYR A 235 17.47 26.10 5.36
C TYR A 235 17.88 25.79 3.93
N ARG A 236 18.46 24.63 3.69
CA ARG A 236 18.67 24.15 2.34
C ARG A 236 18.09 22.74 2.25
N PRO A 237 17.43 22.42 1.15
CA PRO A 237 16.57 21.22 1.09
C PRO A 237 17.30 19.93 0.77
N ASP A 238 18.10 19.44 1.71
CA ASP A 238 18.97 18.32 1.36
C ASP A 238 18.22 17.00 1.49
N LYS A 239 17.58 16.59 0.40
CA LYS A 239 17.18 15.20 0.28
C LYS A 239 18.33 14.30 -0.06
N PHE A 240 19.54 14.84 -0.17
CA PHE A 240 20.72 14.04 -0.43
C PHE A 240 21.38 13.50 0.83
N LEU A 241 20.78 13.76 1.99
CA LEU A 241 20.92 12.82 3.08
C LEU A 241 20.17 11.53 2.73
N GLN A 242 18.89 11.66 2.43
CA GLN A 242 18.07 10.57 1.94
C GLN A 242 18.60 10.04 0.63
N PRO B 1 -10.39 -14.02 14.67
CA PRO B 1 -9.55 -15.22 14.63
C PRO B 1 -9.81 -16.07 13.39
N ALA B 2 -9.04 -15.85 12.33
CA ALA B 2 -9.22 -16.55 11.07
C ALA B 2 -8.43 -17.85 11.08
N GLN B 3 -9.08 -18.94 10.66
CA GLN B 3 -8.45 -20.25 10.57
C GLN B 3 -8.60 -20.77 9.14
N LEU B 4 -7.60 -21.53 8.70
CA LEU B 4 -7.58 -22.08 7.35
C LEU B 4 -7.35 -23.58 7.42
N VAL B 5 -8.20 -24.35 6.73
CA VAL B 5 -8.15 -25.80 6.78
C VAL B 5 -7.91 -26.33 5.37
N GLU B 6 -6.83 -27.07 5.19
CA GLU B 6 -6.53 -27.69 3.90
C GLU B 6 -7.28 -29.01 3.76
N SER B 7 -7.69 -29.32 2.54
CA SER B 7 -8.40 -30.57 2.27
C SER B 7 -8.07 -31.03 0.87
N GLY B 8 -8.09 -32.35 0.68
CA GLY B 8 -7.74 -32.96 -0.58
C GLY B 8 -6.68 -34.02 -0.37
N PRO B 9 -6.84 -35.15 -1.06
CA PRO B 9 -5.90 -36.25 -0.90
C PRO B 9 -4.51 -35.88 -1.42
N GLY B 10 -3.57 -36.79 -1.18
CA GLY B 10 -2.19 -36.52 -1.52
C GLY B 10 -1.55 -37.54 -2.42
N LEU B 11 -2.35 -38.39 -3.05
CA LEU B 11 -1.83 -39.44 -3.94
C LEU B 11 -2.42 -39.24 -5.33
N VAL B 12 -1.77 -38.39 -6.12
CA VAL B 12 -2.04 -38.24 -7.54
C VAL B 12 -0.85 -38.81 -8.29
N LYS B 13 -1.07 -39.18 -9.55
CA LYS B 13 -0.02 -39.73 -10.39
C LYS B 13 0.06 -38.92 -11.67
N PRO B 14 1.15 -39.05 -12.43
CA PRO B 14 1.40 -38.11 -13.54
C PRO B 14 0.21 -37.92 -14.47
N SER B 15 0.11 -36.72 -15.03
CA SER B 15 -0.97 -36.25 -15.91
C SER B 15 -2.31 -36.11 -15.22
N GLY B 16 -2.36 -36.30 -13.89
CA GLY B 16 -3.55 -36.01 -13.14
C GLY B 16 -3.69 -34.53 -12.87
N THR B 17 -4.67 -34.19 -12.03
CA THR B 17 -4.92 -32.81 -11.66
C THR B 17 -5.05 -32.73 -10.14
N LEU B 18 -4.22 -31.91 -9.52
CA LEU B 18 -4.32 -31.65 -8.09
C LEU B 18 -5.53 -30.74 -7.84
N SER B 19 -6.44 -31.19 -7.00
CA SER B 19 -7.63 -30.44 -6.62
C SER B 19 -7.63 -30.29 -5.11
N LEU B 20 -7.02 -29.21 -4.62
CA LEU B 20 -6.94 -28.95 -3.19
C LEU B 20 -7.89 -27.82 -2.84
N THR B 21 -8.41 -27.85 -1.61
CA THR B 21 -9.37 -26.85 -1.16
C THR B 21 -8.95 -26.29 0.19
N CYS B 22 -9.38 -25.06 0.47
CA CYS B 22 -9.04 -24.38 1.71
C CYS B 22 -10.32 -23.76 2.26
N ALA B 23 -10.71 -24.23 3.45
CA ALA B 23 -11.90 -23.74 4.13
C ALA B 23 -11.49 -22.65 5.13
N VAL B 24 -12.15 -21.49 5.05
CA VAL B 24 -11.86 -20.36 5.91
C VAL B 24 -12.90 -20.28 7.00
N SER B 25 -13.56 -21.42 7.25
CA SER B 25 -14.60 -21.51 8.28
C SER B 25 -14.02 -21.18 9.66
N GLY B 27 -14.24 -17.27 10.03
CA GLY B 27 -13.92 -15.85 10.03
C GLY B 27 -14.49 -15.08 8.85
N SER B 28 -15.79 -15.28 8.59
CA SER B 28 -16.50 -14.59 7.51
C SER B 28 -15.86 -14.86 6.15
N ILE B 29 -15.51 -16.12 5.93
CA ILE B 29 -15.18 -16.72 4.63
C ILE B 29 -14.15 -15.93 3.81
N SER B 30 -14.55 -14.84 3.16
CA SER B 30 -13.70 -14.24 2.13
C SER B 30 -14.14 -12.78 1.94
N SER B 31 -13.35 -11.85 2.47
CA SER B 31 -13.56 -10.43 2.21
C SER B 31 -12.40 -9.64 2.77
N SER B 32 -11.94 -8.65 2.00
CA SER B 32 -11.04 -7.56 2.41
C SER B 32 -9.57 -7.97 2.43
N ASN B 33 -9.20 -9.07 1.78
CA ASN B 33 -7.80 -9.47 1.63
C ASN B 33 -7.72 -10.53 0.55
N TRP B 34 -6.50 -11.01 0.32
CA TRP B 34 -6.23 -12.04 -0.67
C TRP B 34 -6.14 -13.42 -0.02
N TRP B 35 -6.37 -14.45 -0.83
CA TRP B 35 -6.18 -15.83 -0.42
C TRP B 35 -5.13 -16.47 -1.31
N SER B 36 -4.02 -16.92 -0.72
CA SER B 36 -2.86 -17.36 -1.47
C SER B 36 -2.60 -18.84 -1.27
N TRP B 37 -2.01 -19.45 -2.29
CA TRP B 37 -1.49 -20.81 -2.23
C TRP B 37 0.02 -20.77 -2.40
N VAL B 38 0.72 -21.49 -1.51
CA VAL B 38 2.17 -21.66 -1.54
C VAL B 38 2.45 -23.16 -1.43
N ARG B 39 3.61 -23.58 -1.92
CA ARG B 39 4.00 -24.99 -1.82
C ARG B 39 5.47 -25.09 -1.47
N GLN B 40 5.85 -26.27 -1.00
CA GLN B 40 7.24 -26.54 -0.65
C GLN B 40 7.56 -28.01 -0.82
N PRO B 41 8.43 -28.38 -1.76
CA PRO B 41 8.88 -29.77 -1.84
C PRO B 41 9.77 -30.11 -0.67
N PRO B 42 10.00 -31.40 -0.40
CA PRO B 42 10.86 -31.77 0.72
C PRO B 42 12.27 -31.19 0.57
N GLY B 43 12.76 -30.58 1.64
CA GLY B 43 14.07 -29.98 1.67
C GLY B 43 14.23 -28.72 0.86
N LYS B 44 13.23 -28.32 0.08
CA LYS B 44 13.33 -27.15 -0.78
C LYS B 44 12.79 -25.92 -0.06
N GLY B 45 12.76 -24.79 -0.79
CA GLY B 45 12.25 -23.55 -0.26
C GLY B 45 10.78 -23.36 -0.57
N LEU B 46 10.25 -22.24 -0.08
CA LEU B 46 8.86 -21.90 -0.33
C LEU B 46 8.68 -21.41 -1.76
N GLU B 47 7.67 -21.94 -2.45
CA GLU B 47 7.35 -21.54 -3.81
C GLU B 47 5.96 -20.94 -3.82
N TRP B 48 5.88 -19.63 -4.04
CA TRP B 48 4.61 -18.94 -4.14
C TRP B 48 3.84 -19.45 -5.35
N ILE B 49 2.62 -19.92 -5.14
CA ILE B 49 1.82 -20.44 -6.25
C ILE B 49 0.95 -19.33 -6.80
N GLY B 50 0.10 -18.75 -5.97
CA GLY B 50 -0.79 -17.73 -6.52
C GLY B 50 -1.67 -17.10 -5.46
N GLU B 51 -2.54 -16.21 -5.91
CA GLU B 51 -3.46 -15.50 -5.03
C GLU B 51 -4.76 -15.17 -5.76
N ILE B 52 -5.85 -15.12 -4.99
CA ILE B 52 -7.20 -14.88 -5.46
C ILE B 52 -7.85 -13.83 -4.59
N TYR B 53 -8.70 -13.01 -5.20
CA TYR B 53 -9.50 -12.01 -4.52
C TYR B 53 -10.98 -12.37 -4.67
N HIS B 54 -11.79 -11.90 -3.73
CA HIS B 54 -13.21 -12.25 -3.72
C HIS B 54 -13.94 -11.73 -4.96
N SER B 55 -13.39 -10.71 -5.62
CA SER B 55 -13.96 -10.25 -6.87
C SER B 55 -13.74 -11.25 -8.01
N GLY B 56 -12.72 -12.09 -7.90
CA GLY B 56 -12.39 -13.06 -8.92
C GLY B 56 -11.04 -12.84 -9.57
N SER B 57 -10.40 -11.71 -9.32
CA SER B 57 -9.09 -11.45 -9.92
C SER B 57 -8.06 -12.44 -9.38
N THR B 58 -7.09 -12.76 -10.23
CA THR B 58 -6.06 -13.72 -9.90
C THR B 58 -4.68 -13.13 -10.14
N ASN B 59 -3.69 -13.62 -9.40
CA ASN B 59 -2.30 -13.36 -9.69
C ASN B 59 -1.52 -14.66 -9.52
N TYR B 60 -0.93 -15.14 -10.61
CA TYR B 60 -0.30 -16.45 -10.66
C TYR B 60 1.22 -16.33 -10.80
N ASN B 61 1.91 -17.33 -10.26
CA ASN B 61 3.34 -17.45 -10.44
C ASN B 61 3.64 -17.77 -11.91
N PRO B 62 4.45 -16.97 -12.60
CA PRO B 62 4.67 -17.22 -14.04
C PRO B 62 5.18 -18.61 -14.36
N SER B 63 5.89 -19.26 -13.44
CA SER B 63 6.38 -20.62 -13.69
C SER B 63 5.25 -21.63 -13.77
N LEU B 64 4.10 -21.33 -13.15
CA LEU B 64 2.98 -22.26 -13.08
C LEU B 64 1.75 -21.81 -13.86
N LYS B 65 1.64 -20.52 -14.19
CA LYS B 65 0.50 -19.99 -14.90
C LYS B 65 0.36 -20.63 -16.28
N SER B 66 -0.23 -21.83 -16.31
CA SER B 66 -0.45 -22.61 -17.51
C SER B 66 -1.24 -23.85 -17.09
N ARG B 67 -1.12 -24.17 -15.80
CA ARG B 67 -1.79 -25.33 -15.23
C ARG B 67 -2.54 -24.99 -13.95
N VAL B 68 -2.29 -23.85 -13.34
CA VAL B 68 -2.93 -23.48 -12.07
C VAL B 68 -4.18 -22.68 -12.36
N THR B 69 -5.23 -23.02 -11.61
CA THR B 69 -6.47 -22.26 -11.60
C THR B 69 -6.92 -22.15 -10.15
N ILE B 70 -6.95 -20.94 -9.62
CA ILE B 70 -7.38 -20.70 -8.25
C ILE B 70 -8.80 -20.13 -8.29
N SER B 71 -9.72 -20.85 -7.67
CA SER B 71 -11.13 -20.48 -7.69
C SER B 71 -11.61 -20.14 -6.29
N VAL B 72 -12.77 -19.50 -6.22
CA VAL B 72 -13.38 -19.11 -4.95
C VAL B 72 -14.81 -19.60 -4.93
N ASP B 73 -15.29 -19.97 -3.73
CA ASP B 73 -16.67 -20.37 -3.50
C ASP B 73 -17.11 -19.65 -2.23
N LYS B 74 -17.73 -18.48 -2.40
CA LYS B 74 -18.26 -17.73 -1.27
C LYS B 74 -19.52 -18.36 -0.71
N SER B 75 -20.15 -19.27 -1.46
CA SER B 75 -21.31 -19.98 -0.96
C SER B 75 -20.95 -21.10 0.01
N LYS B 76 -19.68 -21.47 0.11
CA LYS B 76 -19.27 -22.59 0.95
C LYS B 76 -17.98 -22.30 1.71
N ASN B 77 -17.67 -21.02 1.93
CA ASN B 77 -16.54 -20.62 2.77
C ASN B 77 -15.22 -21.18 2.25
N GLN B 78 -15.04 -21.16 0.93
CA GLN B 78 -14.04 -22.00 0.31
C GLN B 78 -13.21 -21.23 -0.71
N PHE B 79 -11.94 -21.62 -0.85
CA PHE B 79 -11.19 -21.25 -2.04
C PHE B 79 -10.24 -22.39 -2.39
N SER B 80 -10.17 -22.72 -3.67
CA SER B 80 -9.55 -23.95 -4.13
C SER B 80 -8.44 -23.66 -5.13
N LEU B 81 -7.56 -24.64 -5.28
CA LEU B 81 -6.46 -24.61 -6.22
C LEU B 81 -6.48 -25.87 -7.06
N LYS B 82 -6.42 -25.71 -8.38
CA LYS B 82 -6.27 -26.82 -9.31
C LYS B 82 -4.96 -26.69 -10.04
N LEU B 83 -4.24 -27.80 -10.18
CA LEU B 83 -2.95 -27.84 -10.85
C LEU B 83 -2.96 -28.96 -11.88
N SER B 84 -2.74 -28.59 -13.14
CA SER B 84 -2.83 -29.49 -14.28
C SER B 84 -1.44 -30.01 -14.67
N SER B 85 -1.44 -31.07 -15.49
CA SER B 85 -0.21 -31.65 -16.05
C SER B 85 0.81 -31.95 -14.95
N VAL B 86 0.35 -32.64 -13.91
CA VAL B 86 1.18 -32.85 -12.73
C VAL B 86 2.32 -33.81 -13.03
N THR B 87 3.41 -33.66 -12.30
CA THR B 87 4.60 -34.46 -12.49
C THR B 87 5.27 -34.67 -11.14
N ALA B 88 6.36 -35.44 -11.14
CA ALA B 88 7.11 -35.68 -9.91
C ALA B 88 7.75 -34.43 -9.33
N ALA B 89 7.81 -33.34 -10.10
CA ALA B 89 8.31 -32.07 -9.56
C ALA B 89 7.24 -31.31 -8.79
N ASP B 90 6.00 -31.82 -8.76
CA ASP B 90 4.91 -31.17 -8.06
C ASP B 90 4.64 -31.76 -6.69
N THR B 91 5.29 -32.87 -6.34
CA THR B 91 5.13 -33.45 -5.02
C THR B 91 5.68 -32.49 -3.98
N ALA B 92 4.85 -32.11 -3.01
CA ALA B 92 5.21 -31.07 -2.06
C ALA B 92 4.14 -31.00 -0.98
N VAL B 93 4.48 -30.32 0.12
CA VAL B 93 3.47 -29.91 1.09
C VAL B 93 2.92 -28.56 0.64
N TYR B 94 1.61 -28.51 0.43
CA TYR B 94 0.93 -27.31 -0.03
C TYR B 94 0.25 -26.64 1.15
N TYR B 95 0.48 -25.34 1.29
CA TYR B 95 -0.15 -24.51 2.29
C TYR B 95 -1.07 -23.49 1.62
N CYS B 96 -2.22 -23.24 2.23
CA CYS B 96 -3.04 -22.09 1.89
C CYS B 96 -2.94 -21.08 3.02
N ALA B 97 -2.85 -19.81 2.64
CA ALA B 97 -2.64 -18.75 3.61
C ALA B 97 -3.49 -17.54 3.25
N ARG B 98 -3.63 -16.63 4.20
CA ARG B 98 -4.25 -15.33 3.97
C ARG B 98 -3.15 -14.34 3.63
N GLU B 99 -3.27 -13.69 2.48
CA GLU B 99 -2.27 -12.75 2.00
C GLU B 99 -2.84 -11.34 2.11
N ASP B 100 -2.22 -10.53 2.97
CA ASP B 100 -2.68 -9.16 3.18
C ASP B 100 -2.48 -8.33 1.91
N TYR B 101 -3.14 -7.17 1.88
CA TYR B 101 -2.92 -6.23 0.79
C TYR B 101 -1.45 -5.88 0.63
N TYR B 102 -0.72 -5.78 1.73
CA TYR B 102 0.72 -5.48 1.71
C TYR B 102 1.56 -6.73 1.49
N TYR B 103 1.05 -7.68 0.70
CA TYR B 103 1.76 -8.87 0.23
C TYR B 103 2.59 -9.55 1.32
N TYR B 104 1.90 -9.92 2.40
CA TYR B 104 2.49 -10.76 3.42
C TYR B 104 1.42 -11.74 3.90
N MET B 105 1.86 -12.88 4.41
CA MET B 105 0.98 -13.97 4.80
C MET B 105 1.11 -14.19 6.30
N ASP B 106 0.07 -13.83 7.04
CA ASP B 106 0.10 -13.89 8.50
C ASP B 106 -0.63 -15.11 9.06
N VAL B 107 -1.59 -15.67 8.34
CA VAL B 107 -2.35 -16.82 8.79
C VAL B 107 -2.15 -17.95 7.80
N TRP B 108 -1.64 -19.08 8.30
CA TRP B 108 -1.36 -20.26 7.50
C TRP B 108 -2.18 -21.43 8.00
N GLY B 109 -2.39 -22.41 7.11
CA GLY B 109 -2.92 -23.70 7.50
C GLY B 109 -1.82 -24.63 7.98
N LYS B 110 -2.22 -25.85 8.31
CA LYS B 110 -1.25 -26.86 8.74
C LYS B 110 -0.49 -27.48 7.58
N GLY B 111 -1.02 -27.36 6.36
CA GLY B 111 -0.36 -27.90 5.18
C GLY B 111 -0.78 -29.33 4.89
N THR B 112 -0.93 -29.66 3.61
CA THR B 112 -1.29 -31.01 3.21
C THR B 112 -0.24 -31.52 2.22
N THR B 113 0.26 -32.72 2.45
CA THR B 113 1.33 -33.28 1.64
C THR B 113 0.72 -34.05 0.47
N VAL B 114 1.12 -33.69 -0.75
CA VAL B 114 0.64 -34.33 -1.97
C VAL B 114 1.84 -34.94 -2.69
N THR B 115 1.69 -36.20 -3.12
CA THR B 115 2.73 -36.94 -3.81
C THR B 115 2.28 -37.27 -5.23
N VAL B 116 3.20 -37.10 -6.19
CA VAL B 116 2.95 -37.45 -7.58
C VAL B 116 4.05 -38.39 -8.07
N GLN B 117 16.85 -21.03 -9.04
CA GLN B 117 15.39 -21.03 -9.12
C GLN B 117 14.78 -20.41 -7.87
N SER B 118 15.38 -19.30 -7.42
CA SER B 118 14.91 -18.56 -6.26
C SER B 118 15.13 -17.08 -6.52
N VAL B 119 14.03 -16.31 -6.52
CA VAL B 119 14.12 -14.90 -6.90
C VAL B 119 14.93 -14.12 -5.86
N LEU B 120 14.75 -14.43 -4.58
CA LEU B 120 15.48 -13.79 -3.50
C LEU B 120 16.54 -14.75 -2.98
N THR B 121 17.77 -14.27 -2.87
CA THR B 121 18.90 -15.10 -2.47
C THR B 121 19.22 -14.90 -1.00
N GLN B 122 19.33 -16.01 -0.27
CA GLN B 122 19.71 -16.01 1.13
C GLN B 122 20.92 -16.92 1.31
N PRO B 123 21.75 -16.66 2.31
CA PRO B 123 22.83 -17.60 2.63
C PRO B 123 22.27 -18.95 3.04
N PRO B 124 22.91 -20.04 2.65
CA PRO B 124 22.33 -21.36 2.94
C PRO B 124 22.10 -21.60 4.43
N SER B 125 23.06 -21.21 5.27
CA SER B 125 22.96 -21.48 6.69
C SER B 125 23.75 -20.43 7.46
N VAL B 126 23.42 -20.28 8.74
CA VAL B 126 24.17 -19.44 9.65
C VAL B 126 23.90 -19.95 11.06
N SER B 127 24.85 -19.73 11.95
CA SER B 127 24.76 -20.30 13.29
C SER B 127 25.62 -19.50 14.26
N ALA B 128 25.20 -19.51 15.53
CA ALA B 128 25.94 -18.87 16.60
C ALA B 128 25.59 -19.55 17.91
N ALA B 129 26.32 -19.18 18.96
CA ALA B 129 26.09 -19.74 20.29
C ALA B 129 24.83 -19.15 20.90
N PRO B 130 24.19 -19.88 21.83
CA PRO B 130 23.00 -19.34 22.49
C PRO B 130 23.33 -18.10 23.32
N GLY B 131 22.37 -17.18 23.37
CA GLY B 131 22.59 -15.92 24.04
C GLY B 131 23.32 -14.88 23.22
N GLN B 132 23.57 -15.14 21.94
CA GLN B 132 24.27 -14.23 21.05
C GLN B 132 23.28 -13.63 20.05
N LYS B 133 23.82 -13.00 19.00
CA LYS B 133 23.03 -12.41 17.94
C LYS B 133 23.42 -13.02 16.60
N VAL B 134 22.61 -12.75 15.58
CA VAL B 134 22.93 -13.20 14.23
C VAL B 134 22.14 -12.36 13.24
N THR B 135 22.76 -12.10 12.09
CA THR B 135 22.12 -11.38 11.00
C THR B 135 22.03 -12.29 9.77
N ILE B 136 20.96 -12.10 9.00
CA ILE B 136 20.72 -12.87 7.79
C ILE B 136 20.22 -11.92 6.71
N SER B 137 20.82 -11.98 5.53
CA SER B 137 20.55 -11.03 4.47
C SER B 137 19.74 -11.67 3.35
N CYS B 138 19.10 -10.81 2.57
CA CYS B 138 18.21 -11.23 1.48
C CYS B 138 18.37 -10.20 0.37
N SER B 139 19.06 -10.58 -0.70
CA SER B 139 19.34 -9.67 -1.80
C SER B 139 18.40 -9.94 -2.96
N GLY B 140 17.91 -8.87 -3.57
CA GLY B 140 17.00 -8.94 -4.69
C GLY B 140 17.39 -7.96 -5.78
N SER B 141 16.37 -7.50 -6.51
CA SER B 141 16.57 -6.57 -7.62
C SER B 141 15.64 -5.37 -7.41
N SER B 142 15.69 -4.43 -8.36
CA SER B 142 14.84 -3.25 -8.30
C SER B 142 13.37 -3.58 -8.42
N SER B 143 13.02 -4.75 -8.96
CA SER B 143 11.63 -5.10 -9.20
C SER B 143 10.95 -5.65 -7.95
N ASN B 144 11.71 -6.21 -7.00
CA ASN B 144 11.10 -6.82 -5.82
C ASN B 144 11.44 -6.06 -4.55
N ILE B 145 12.64 -6.30 -3.99
CA ILE B 145 13.00 -5.68 -2.72
C ILE B 145 13.21 -4.19 -2.86
N GLY B 146 13.63 -3.73 -4.04
CA GLY B 146 13.96 -2.32 -4.22
C GLY B 146 12.79 -1.39 -4.02
N ASN B 147 11.58 -1.85 -4.32
CA ASN B 147 10.41 -0.98 -4.26
C ASN B 147 9.27 -1.52 -3.40
N ASN B 148 9.32 -2.76 -2.94
CA ASN B 148 8.24 -3.35 -2.17
C ASN B 148 8.70 -3.69 -0.76
N TYR B 149 7.72 -3.94 0.11
CA TYR B 149 8.00 -4.22 1.51
C TYR B 149 8.37 -5.68 1.71
N VAL B 150 9.37 -5.92 2.56
CA VAL B 150 9.93 -7.25 2.79
C VAL B 150 9.37 -7.80 4.09
N SER B 151 9.04 -9.10 4.07
CA SER B 151 8.57 -9.82 5.24
C SER B 151 9.48 -11.00 5.50
N TRP B 152 9.50 -11.45 6.74
CA TRP B 152 10.33 -12.58 7.18
C TRP B 152 9.43 -13.63 7.82
N TYR B 153 9.65 -14.89 7.45
CA TYR B 153 8.89 -16.03 7.95
C TYR B 153 9.83 -17.01 8.66
N GLN B 154 9.34 -17.60 9.74
CA GLN B 154 10.05 -18.62 10.49
C GLN B 154 9.31 -19.95 10.35
N GLN B 155 10.00 -20.98 9.87
CA GLN B 155 9.42 -22.31 9.68
C GLN B 155 10.17 -23.29 10.55
N LEU B 156 9.59 -23.63 11.69
CA LEU B 156 10.13 -24.69 12.52
C LEU B 156 10.01 -26.03 11.81
N PRO B 157 10.94 -26.95 12.05
CA PRO B 157 10.91 -28.25 11.34
C PRO B 157 9.63 -29.01 11.63
N GLY B 158 8.90 -29.34 10.57
CA GLY B 158 7.66 -30.07 10.67
C GLY B 158 6.41 -29.21 10.74
N THR B 159 6.56 -27.90 10.93
CA THR B 159 5.44 -26.99 11.04
C THR B 159 5.38 -26.07 9.83
N ALA B 160 4.24 -25.39 9.71
CA ALA B 160 4.05 -24.44 8.63
C ALA B 160 4.86 -23.18 8.89
N PRO B 161 5.16 -22.41 7.85
CA PRO B 161 5.81 -21.11 8.06
C PRO B 161 4.91 -20.20 8.89
N LYS B 162 5.55 -19.31 9.66
CA LYS B 162 4.86 -18.38 10.53
C LYS B 162 5.38 -16.97 10.28
N LEU B 163 4.48 -16.01 10.16
CA LEU B 163 4.86 -14.62 9.92
C LEU B 163 5.67 -14.08 11.09
N LEU B 164 6.95 -13.81 10.84
CA LEU B 164 7.86 -13.29 11.87
C LEU B 164 7.98 -11.77 11.82
N ILE B 165 8.04 -11.18 10.63
CA ILE B 165 8.14 -9.74 10.46
C ILE B 165 7.40 -9.37 9.19
N TYR B 166 6.74 -8.22 9.18
CA TYR B 166 6.09 -7.70 7.99
C TYR B 166 6.35 -6.21 7.87
N ASP B 167 6.14 -5.68 6.66
CA ASP B 167 6.32 -4.26 6.35
C ASP B 167 7.70 -3.77 6.76
N ASN B 168 8.72 -4.54 6.37
CA ASN B 168 10.14 -4.26 6.61
C ASN B 168 10.55 -4.44 8.07
N ASN B 169 9.79 -3.87 9.01
CA ASN B 169 10.21 -3.92 10.40
C ASN B 169 9.08 -4.04 11.42
N LYS B 170 7.83 -4.18 11.00
CA LYS B 170 6.73 -4.33 11.95
C LYS B 170 6.68 -5.77 12.44
N ARG B 171 6.74 -5.95 13.77
CA ARG B 171 6.65 -7.28 14.35
C ARG B 171 5.19 -7.60 14.68
N PRO B 172 4.66 -8.72 14.20
CA PRO B 172 3.26 -9.07 14.48
C PRO B 172 3.03 -9.33 15.96
N SER B 173 1.76 -9.45 16.31
CA SER B 173 1.38 -9.73 17.69
C SER B 173 1.81 -11.12 18.09
N GLY B 174 2.50 -11.23 19.22
CA GLY B 174 2.97 -12.50 19.72
C GLY B 174 4.43 -12.79 19.44
N ILE B 175 5.09 -11.96 18.66
CA ILE B 175 6.51 -12.13 18.32
C ILE B 175 7.33 -11.25 19.25
N PRO B 176 8.31 -11.80 19.96
CA PRO B 176 9.09 -10.99 20.90
C PRO B 176 9.95 -9.96 20.18
N ASP B 177 10.48 -9.04 20.97
CA ASP B 177 11.28 -7.93 20.47
C ASP B 177 12.70 -8.33 20.09
N ARG B 178 13.06 -9.60 20.23
CA ARG B 178 14.41 -10.05 19.89
C ARG B 178 14.65 -10.07 18.38
N PHE B 179 13.60 -9.92 17.57
CA PHE B 179 13.70 -9.95 16.12
C PHE B 179 13.65 -8.54 15.55
N SER B 180 14.52 -8.28 14.59
CA SER B 180 14.69 -6.95 14.01
C SER B 180 14.63 -7.04 12.49
N GLY B 181 13.98 -6.07 11.87
CA GLY B 181 13.87 -5.99 10.42
C GLY B 181 14.58 -4.74 9.90
N SER B 182 15.25 -4.89 8.76
CA SER B 182 15.97 -3.78 8.14
C SER B 182 15.90 -3.95 6.64
N LYS B 183 16.02 -2.83 5.92
CA LYS B 183 15.92 -2.84 4.47
C LYS B 183 16.70 -1.66 3.92
N SER B 184 17.76 -1.93 3.17
CA SER B 184 18.57 -0.91 2.52
C SER B 184 18.58 -1.16 1.02
N GLY B 185 18.02 -0.23 0.26
CA GLY B 185 18.05 -0.31 -1.18
C GLY B 185 17.46 -1.58 -1.75
N THR B 186 18.33 -2.50 -2.16
CA THR B 186 17.90 -3.75 -2.79
C THR B 186 18.30 -4.96 -1.93
N SER B 187 18.39 -4.77 -0.61
CA SER B 187 18.74 -5.88 0.26
C SER B 187 18.09 -5.68 1.63
N ALA B 188 17.42 -6.71 2.11
CA ALA B 188 16.83 -6.71 3.44
C ALA B 188 17.69 -7.55 4.39
N THR B 189 17.44 -7.36 5.69
CA THR B 189 18.23 -8.04 6.71
C THR B 189 17.38 -8.29 7.94
N LEU B 190 17.36 -9.54 8.39
CA LEU B 190 16.71 -9.95 9.61
C LEU B 190 17.75 -10.19 10.69
N GLY B 191 17.53 -9.65 11.88
CA GLY B 191 18.45 -9.82 12.99
C GLY B 191 17.75 -10.50 14.16
N ILE B 192 18.50 -11.36 14.85
CA ILE B 192 18.01 -12.04 16.04
C ILE B 192 18.98 -11.77 17.17
N THR B 193 18.48 -11.16 18.25
CA THR B 193 19.26 -10.87 19.44
C THR B 193 18.92 -11.86 20.55
N GLY B 194 19.90 -12.15 21.39
CA GLY B 194 19.74 -13.12 22.45
C GLY B 194 19.33 -14.48 21.93
N LEU B 195 20.24 -15.14 21.21
CA LEU B 195 19.92 -16.40 20.55
C LEU B 195 19.50 -17.45 21.56
N GLN B 196 18.30 -17.98 21.40
CA GLN B 196 17.79 -19.05 22.24
C GLN B 196 17.95 -20.39 21.54
N THR B 197 17.62 -21.47 22.25
CA THR B 197 17.61 -22.80 21.66
C THR B 197 16.31 -23.10 20.95
N GLY B 198 15.24 -22.34 21.22
CA GLY B 198 13.98 -22.52 20.53
C GLY B 198 13.95 -21.97 19.12
N ASP B 199 15.01 -21.28 18.69
CA ASP B 199 15.09 -20.73 17.34
C ASP B 199 15.77 -21.72 16.39
N GLU B 200 15.20 -22.93 16.36
CA GLU B 200 15.76 -24.01 15.53
C GLU B 200 15.48 -23.82 14.05
N ALA B 201 14.55 -22.94 13.70
CA ALA B 201 13.81 -23.03 12.45
C ALA B 201 14.65 -22.61 11.24
N ASP B 202 14.03 -22.75 10.07
CA ASP B 202 14.46 -22.11 8.83
C ASP B 202 13.83 -20.72 8.76
N TYR B 203 14.49 -19.83 8.01
CA TYR B 203 14.03 -18.46 7.87
C TYR B 203 13.97 -18.08 6.39
N TYR B 204 12.85 -17.48 5.99
CA TYR B 204 12.63 -17.10 4.60
C TYR B 204 12.29 -15.61 4.52
N CYS B 205 12.73 -14.98 3.45
CA CYS B 205 12.33 -13.62 3.12
C CYS B 205 11.34 -13.66 1.96
N GLY B 206 10.29 -12.84 2.06
CA GLY B 206 9.26 -12.80 1.05
C GLY B 206 8.85 -11.38 0.71
N THR B 207 8.52 -11.16 -0.56
CA THR B 207 8.10 -9.83 -1.02
C THR B 207 7.30 -10.00 -2.30
N TRP B 208 7.01 -8.88 -2.94
CA TRP B 208 6.31 -8.87 -4.21
C TRP B 208 7.26 -8.44 -5.31
N ASP B 209 7.09 -9.03 -6.50
CA ASP B 209 7.89 -8.70 -7.67
C ASP B 209 6.96 -8.10 -8.72
N SER B 210 7.25 -6.87 -9.13
CA SER B 210 6.41 -6.17 -10.08
C SER B 210 6.63 -6.65 -11.51
N SER B 211 7.85 -7.06 -11.85
CA SER B 211 8.11 -7.63 -13.17
C SER B 211 7.35 -8.94 -13.34
N LEU B 212 7.44 -9.82 -12.35
CA LEU B 212 6.66 -11.05 -12.37
C LEU B 212 5.20 -10.82 -12.00
N SER B 213 4.90 -9.70 -11.33
CA SER B 213 3.57 -9.43 -10.80
C SER B 213 3.12 -10.56 -9.90
N ALA B 214 4.00 -10.96 -8.98
CA ALA B 214 3.71 -12.13 -8.17
C ALA B 214 4.55 -12.11 -6.91
N GLY B 215 4.08 -12.81 -5.88
CA GLY B 215 4.86 -12.96 -4.68
C GLY B 215 6.06 -13.86 -4.90
N VAL B 216 7.16 -13.56 -4.21
CA VAL B 216 8.38 -14.34 -4.29
C VAL B 216 8.93 -14.57 -2.89
N PHE B 217 9.53 -15.73 -2.70
CA PHE B 217 10.22 -16.10 -1.46
C PHE B 217 11.71 -16.20 -1.70
N GLY B 218 12.45 -16.24 -0.60
CA GLY B 218 13.88 -16.47 -0.67
C GLY B 218 14.23 -17.96 -0.69
N GLY B 219 15.48 -18.24 -1.02
CA GLY B 219 15.95 -19.61 -0.99
C GLY B 219 15.90 -20.26 0.37
N GLY B 220 15.86 -19.44 1.42
CA GLY B 220 15.81 -19.93 2.79
C GLY B 220 17.19 -20.06 3.41
N THR B 221 17.22 -19.94 4.74
CA THR B 221 18.45 -20.07 5.51
C THR B 221 18.18 -20.92 6.74
N LYS B 222 18.97 -21.98 6.89
CA LYS B 222 18.85 -22.87 8.03
C LYS B 222 19.67 -22.30 9.19
N LEU B 223 18.99 -21.99 10.29
CA LEU B 223 19.66 -21.50 11.49
C LEU B 223 19.99 -22.68 12.40
N THR B 224 21.28 -22.90 12.66
CA THR B 224 21.73 -24.04 13.45
C THR B 224 21.85 -23.64 14.91
N VAL B 225 21.37 -24.52 15.79
CA VAL B 225 21.30 -24.24 17.22
C VAL B 225 22.49 -24.89 17.92
N LEU B 226 23.65 -24.23 17.87
CA LEU B 226 24.90 -24.78 18.40
C LEU B 226 24.82 -25.08 19.89
#